data_1EQC
#
_entry.id   1EQC
#
_cell.length_a   60.03
_cell.length_b   65.12
_cell.length_c   97.04
_cell.angle_alpha   90.00
_cell.angle_beta   90.00
_cell.angle_gamma   90.00
#
_symmetry.space_group_name_H-M   'P 21 21 21'
#
loop_
_entity.id
_entity.type
_entity.pdbx_description
1 polymer EXO-(B)-(1,3)-GLUCANASE
2 non-polymer CASTANOSPERMINE
3 water water
#
_entity_poly.entity_id   1
_entity_poly.type   'polypeptide(L)'
_entity_poly.pdbx_seq_one_letter_code
;AWDYDNNVIRGVNLGGWFVLEPYMTPSLFEPFQNGNDQSGVPVDEYHWTQTLGKEAALRILQKHWSTWITEQDFKQISNL
GLNFVRIPIGYWAFQLLDNDPYVQGQVQYLEKALGWARKNNIRVWIDLHGAPGSQNGFDNSGLRDSYNFQNGDNTQVTLN
VLNTIFKKYGGNEYSDVVIGIELLNEPLGPVLNMDKLKQFFLDGYNSLRQTGSVTPVIIHDAFQVFGYWNNFLTVAEGQW
NVVVDHHHYQVFSGGELSRNINDHISVACNWGWDAKKESHWNVAGEWSAALTDCAKWLNGVNRGARYEGAYDNAPYIGSC
QPLLDISQWSDEHKTDTRRYIEAQLDAFEYTGGWVFWSWKTENAPEWSFQTLTYNGLFPQPVTDRQFPNQCGFH
;
_entity_poly.pdbx_strand_id   A
#
# COMPACT_ATOMS: atom_id res chain seq x y z
N ALA A 1 -22.31 -3.30 1.64
CA ALA A 1 -21.70 -4.08 0.51
C ALA A 1 -20.66 -5.07 1.05
N TRP A 2 -20.43 -4.97 2.36
CA TRP A 2 -19.47 -5.80 3.04
C TRP A 2 -19.82 -5.96 4.52
N ASP A 3 -19.56 -7.15 5.05
CA ASP A 3 -19.85 -7.37 6.49
C ASP A 3 -18.50 -7.51 7.19
N TYR A 4 -18.03 -6.43 7.83
CA TYR A 4 -16.70 -6.48 8.45
C TYR A 4 -16.68 -7.44 9.63
N ASP A 5 -17.83 -7.75 10.21
CA ASP A 5 -17.87 -8.71 11.30
C ASP A 5 -17.71 -10.14 10.84
N ASN A 6 -18.33 -10.51 9.72
CA ASN A 6 -18.34 -11.89 9.28
C ASN A 6 -17.53 -12.23 8.05
N ASN A 7 -17.16 -11.27 7.22
CA ASN A 7 -16.45 -11.61 5.99
C ASN A 7 -14.95 -11.35 6.20
N VAL A 8 -14.13 -12.01 5.41
CA VAL A 8 -12.67 -11.77 5.51
C VAL A 8 -12.20 -11.18 4.18
N ILE A 9 -11.48 -10.06 4.24
CA ILE A 9 -10.95 -9.43 3.02
C ILE A 9 -9.78 -10.25 2.55
N ARG A 10 -9.75 -10.60 1.27
CA ARG A 10 -8.67 -11.32 0.62
C ARG A 10 -8.37 -10.51 -0.64
N GLY A 11 -7.38 -9.62 -0.53
CA GLY A 11 -7.12 -8.69 -1.60
C GLY A 11 -5.71 -8.39 -1.96
N VAL A 12 -5.58 -7.50 -2.94
CA VAL A 12 -4.31 -7.04 -3.44
C VAL A 12 -4.41 -5.53 -3.67
N ASN A 13 -3.25 -4.89 -3.49
CA ASN A 13 -3.15 -3.46 -3.76
C ASN A 13 -2.87 -3.31 -5.25
N LEU A 14 -3.38 -2.24 -5.85
CA LEU A 14 -3.06 -1.97 -7.27
C LEU A 14 -2.03 -0.85 -7.28
N GLY A 15 -0.86 -1.16 -6.69
CA GLY A 15 0.18 -0.14 -6.59
C GLY A 15 0.90 0.10 -7.91
N GLY A 16 1.59 1.22 -7.99
CA GLY A 16 2.40 1.59 -9.15
C GLY A 16 1.54 2.09 -10.32
N TRP A 17 0.23 2.20 -10.14
CA TRP A 17 -0.64 2.57 -11.26
C TRP A 17 -0.85 4.07 -11.33
N PHE A 18 -1.42 4.68 -10.29
CA PHE A 18 -1.70 6.11 -10.30
C PHE A 18 -0.66 6.93 -9.58
N VAL A 19 0.24 6.25 -8.88
CA VAL A 19 1.35 6.93 -8.19
C VAL A 19 2.60 6.15 -8.62
N LEU A 20 3.53 6.79 -9.31
CA LEU A 20 4.68 6.04 -9.80
C LEU A 20 5.66 5.69 -8.68
N GLU A 21 6.13 4.46 -8.65
CA GLU A 21 7.12 4.03 -7.66
C GLU A 21 8.30 3.42 -8.40
N PRO A 22 9.48 4.00 -8.29
CA PRO A 22 10.65 3.51 -9.04
C PRO A 22 10.92 2.04 -8.89
N TYR A 23 10.75 1.42 -7.71
CA TYR A 23 11.05 0.01 -7.57
C TYR A 23 10.03 -0.91 -8.25
N MET A 24 8.83 -0.41 -8.50
CA MET A 24 7.76 -1.20 -9.09
C MET A 24 7.78 -1.13 -10.60
N THR A 25 8.15 0.04 -11.15
CA THR A 25 8.23 0.21 -12.61
C THR A 25 9.56 0.91 -12.93
N PRO A 26 10.67 0.21 -12.73
CA PRO A 26 11.98 0.78 -12.98
C PRO A 26 12.18 1.18 -14.42
N SER A 27 11.49 0.56 -15.38
CA SER A 27 11.66 0.93 -16.79
C SER A 27 11.32 2.38 -17.06
N LEU A 28 10.43 3.02 -16.30
CA LEU A 28 10.16 4.43 -16.52
C LEU A 28 11.23 5.35 -15.96
N PHE A 29 12.12 4.89 -15.11
CA PHE A 29 13.14 5.72 -14.49
C PHE A 29 14.54 5.43 -15.02
N GLU A 30 14.75 4.20 -15.47
CA GLU A 30 16.05 3.76 -15.98
C GLU A 30 16.61 4.53 -17.15
N PRO A 31 15.81 5.06 -18.06
CA PRO A 31 16.35 5.84 -19.19
C PRO A 31 17.12 7.06 -18.75
N PHE A 32 16.90 7.56 -17.54
CA PHE A 32 17.62 8.70 -17.01
C PHE A 32 19.00 8.35 -16.46
N GLN A 33 19.35 7.08 -16.36
CA GLN A 33 20.67 6.71 -15.87
C GLN A 33 21.73 6.97 -16.97
N ASN A 34 22.89 7.41 -16.53
CA ASN A 34 24.03 7.63 -17.44
C ASN A 34 25.05 6.53 -17.13
N GLY A 35 25.03 5.49 -17.96
CA GLY A 35 25.88 4.33 -17.70
C GLY A 35 25.45 3.74 -16.35
N ASN A 36 26.38 3.75 -15.39
CA ASN A 36 26.11 3.21 -14.06
C ASN A 36 25.81 4.31 -13.05
N ASP A 37 25.82 5.54 -13.52
CA ASP A 37 25.56 6.72 -12.71
C ASP A 37 24.06 6.96 -12.57
N GLN A 38 23.57 6.92 -11.34
CA GLN A 38 22.18 7.11 -11.00
C GLN A 38 21.92 8.50 -10.44
N SER A 39 22.94 9.36 -10.42
CA SER A 39 22.78 10.69 -9.85
C SER A 39 21.75 11.54 -10.55
N GLY A 40 21.47 11.37 -11.83
CA GLY A 40 20.47 12.13 -12.53
C GLY A 40 19.11 11.48 -12.69
N VAL A 41 18.83 10.37 -12.03
CA VAL A 41 17.51 9.73 -12.14
C VAL A 41 16.54 10.48 -11.21
N PRO A 42 15.42 10.94 -11.72
CA PRO A 42 14.43 11.62 -10.88
C PRO A 42 14.05 10.71 -9.73
N VAL A 43 13.87 11.21 -8.51
CA VAL A 43 13.66 10.28 -7.40
C VAL A 43 12.21 10.00 -7.08
N ASP A 44 11.29 10.72 -7.70
CA ASP A 44 9.85 10.55 -7.40
C ASP A 44 9.00 11.09 -8.53
N GLU A 45 7.68 10.92 -8.45
CA GLU A 45 6.82 11.40 -9.54
C GLU A 45 6.89 12.89 -9.72
N TYR A 46 7.00 13.65 -8.62
CA TYR A 46 7.13 15.10 -8.73
C TYR A 46 8.30 15.45 -9.66
N HIS A 47 9.49 14.90 -9.38
CA HIS A 47 10.67 15.24 -10.20
C HIS A 47 10.64 14.61 -11.58
N TRP A 48 10.05 13.43 -11.71
CA TRP A 48 9.93 12.74 -12.99
C TRP A 48 9.07 13.59 -13.94
N THR A 49 7.90 14.04 -13.47
CA THR A 49 7.05 14.89 -14.31
C THR A 49 7.69 16.24 -14.58
N GLN A 50 8.40 16.78 -13.61
CA GLN A 50 9.04 18.09 -13.78
C GLN A 50 10.14 18.02 -14.84
N THR A 51 10.96 16.99 -14.78
CA THR A 51 12.05 16.78 -15.72
C THR A 51 11.55 16.53 -17.14
N LEU A 52 10.46 15.80 -17.31
CA LEU A 52 9.96 15.51 -18.64
C LEU A 52 9.17 16.65 -19.26
N GLY A 53 8.52 17.46 -18.44
CA GLY A 53 7.66 18.51 -19.02
C GLY A 53 6.25 17.91 -19.15
N LYS A 54 5.25 18.77 -19.21
CA LYS A 54 3.87 18.33 -19.26
C LYS A 54 3.53 17.45 -20.43
N GLU A 55 3.96 17.80 -21.63
CA GLU A 55 3.64 17.03 -22.83
C GLU A 55 4.17 15.62 -22.82
N ALA A 56 5.46 15.45 -22.55
CA ALA A 56 6.05 14.11 -22.54
C ALA A 56 5.51 13.30 -21.36
N ALA A 57 5.32 13.96 -20.21
CA ALA A 57 4.83 13.20 -19.05
C ALA A 57 3.44 12.65 -19.31
N LEU A 58 2.57 13.47 -19.94
CA LEU A 58 1.21 12.97 -20.21
C LEU A 58 1.22 11.87 -21.24
N ARG A 59 2.08 11.97 -22.28
CA ARG A 59 2.13 10.92 -23.29
C ARG A 59 2.58 9.60 -22.69
N ILE A 60 3.60 9.63 -21.84
CA ILE A 60 4.12 8.41 -21.24
C ILE A 60 3.16 7.85 -20.21
N LEU A 61 2.55 8.73 -19.41
CA LEU A 61 1.60 8.23 -18.38
C LEU A 61 0.34 7.67 -18.97
N GLN A 62 -0.18 8.26 -20.05
CA GLN A 62 -1.39 7.71 -20.67
C GLN A 62 -1.16 6.28 -21.09
N LYS A 63 0.00 5.99 -21.67
CA LYS A 63 0.34 4.64 -22.08
C LYS A 63 0.43 3.73 -20.84
N HIS A 64 1.03 4.24 -19.78
CA HIS A 64 1.17 3.46 -18.53
C HIS A 64 -0.19 3.19 -17.91
N TRP A 65 -1.00 4.23 -17.75
CA TRP A 65 -2.33 4.06 -17.15
C TRP A 65 -3.20 3.12 -17.95
N SER A 66 -3.09 3.13 -19.28
CA SER A 66 -3.91 2.25 -20.10
C SER A 66 -3.40 0.84 -20.24
N THR A 67 -2.20 0.47 -19.76
CA THR A 67 -1.70 -0.87 -19.94
C THR A 67 -1.27 -1.54 -18.63
N TRP A 68 -0.96 -0.77 -17.60
CA TRP A 68 -0.40 -1.41 -16.37
C TRP A 68 -1.43 -2.33 -15.73
N ILE A 69 -2.66 -1.83 -15.60
CA ILE A 69 -3.77 -2.61 -15.04
C ILE A 69 -4.95 -2.47 -16.02
N THR A 70 -5.55 -3.59 -16.40
CA THR A 70 -6.69 -3.48 -17.34
C THR A 70 -7.82 -4.35 -16.83
N GLU A 71 -8.91 -4.46 -17.59
CA GLU A 71 -10.00 -5.31 -17.17
C GLU A 71 -9.57 -6.76 -16.98
N GLN A 72 -8.63 -7.27 -17.78
CA GLN A 72 -8.16 -8.63 -17.67
C GLN A 72 -7.57 -8.92 -16.27
N ASP A 73 -6.88 -7.96 -15.68
CA ASP A 73 -6.33 -8.14 -14.33
C ASP A 73 -7.44 -8.34 -13.30
N PHE A 74 -8.54 -7.61 -13.41
CA PHE A 74 -9.67 -7.77 -12.48
C PHE A 74 -10.28 -9.15 -12.63
N LYS A 75 -10.38 -9.66 -13.86
CA LYS A 75 -10.90 -11.03 -14.00
C LYS A 75 -9.93 -12.03 -13.37
N GLN A 76 -8.61 -11.81 -13.55
CA GLN A 76 -7.63 -12.74 -12.99
C GLN A 76 -7.66 -12.69 -11.46
N ILE A 77 -7.77 -11.47 -10.92
CA ILE A 77 -7.88 -11.33 -9.45
C ILE A 77 -9.06 -12.13 -8.92
N SER A 78 -10.24 -11.99 -9.56
CA SER A 78 -11.41 -12.76 -9.15
C SER A 78 -11.21 -14.27 -9.30
N ASN A 79 -10.63 -14.71 -10.40
CA ASN A 79 -10.36 -16.10 -10.65
C ASN A 79 -9.43 -16.73 -9.63
N LEU A 80 -8.55 -15.92 -9.03
CA LEU A 80 -7.64 -16.43 -8.01
C LEU A 80 -8.26 -16.50 -6.63
N GLY A 81 -9.52 -16.11 -6.50
CA GLY A 81 -10.23 -16.21 -5.25
C GLY A 81 -10.11 -14.96 -4.38
N LEU A 82 -9.65 -13.86 -4.94
CA LEU A 82 -9.57 -12.61 -4.21
C LEU A 82 -10.90 -11.88 -4.32
N ASN A 83 -11.23 -11.05 -3.36
CA ASN A 83 -12.52 -10.37 -3.35
C ASN A 83 -12.38 -8.88 -3.16
N PHE A 84 -11.13 -8.36 -3.28
CA PHE A 84 -10.99 -6.94 -2.90
C PHE A 84 -9.71 -6.34 -3.45
N VAL A 85 -9.75 -5.06 -3.78
CA VAL A 85 -8.54 -4.35 -4.18
C VAL A 85 -8.48 -3.02 -3.42
N ARG A 86 -7.25 -2.59 -3.13
CA ARG A 86 -7.01 -1.27 -2.52
C ARG A 86 -6.38 -0.42 -3.61
N ILE A 87 -6.88 0.77 -3.89
CA ILE A 87 -6.36 1.57 -4.99
C ILE A 87 -5.76 2.86 -4.54
N PRO A 88 -4.41 2.97 -4.57
CA PRO A 88 -3.74 4.19 -4.21
C PRO A 88 -3.89 5.25 -5.29
N ILE A 89 -4.11 6.49 -4.88
CA ILE A 89 -4.19 7.61 -5.83
C ILE A 89 -3.63 8.84 -5.16
N GLY A 90 -2.97 9.73 -5.89
CA GLY A 90 -2.38 10.91 -5.21
C GLY A 90 -3.34 12.09 -5.28
N TYR A 91 -3.08 13.12 -4.46
CA TYR A 91 -3.96 14.29 -4.42
C TYR A 91 -4.00 15.00 -5.77
N TRP A 92 -2.91 14.93 -6.51
CA TRP A 92 -2.80 15.67 -7.79
C TRP A 92 -3.74 15.20 -8.87
N ALA A 93 -4.32 14.01 -8.69
CA ALA A 93 -5.34 13.54 -9.62
C ALA A 93 -6.59 14.43 -9.53
N PHE A 94 -6.79 15.10 -8.40
CA PHE A 94 -7.96 15.92 -8.21
C PHE A 94 -7.68 17.40 -8.17
N GLN A 95 -6.52 17.79 -7.65
CA GLN A 95 -6.22 19.21 -7.48
C GLN A 95 -4.73 19.46 -7.56
N LEU A 96 -4.34 20.52 -8.26
CA LEU A 96 -2.91 20.83 -8.36
C LEU A 96 -2.58 22.06 -7.53
N LEU A 97 -1.42 22.07 -6.87
CA LEU A 97 -0.98 23.30 -6.19
C LEU A 97 -0.44 24.21 -7.31
N ASP A 98 -0.35 25.51 -7.04
CA ASP A 98 0.23 26.40 -8.07
C ASP A 98 1.67 25.91 -8.31
N ASN A 99 2.12 25.83 -9.55
CA ASN A 99 3.47 25.37 -9.86
C ASN A 99 3.66 23.86 -9.69
N ASP A 100 2.66 23.04 -9.40
CA ASP A 100 2.87 21.59 -9.32
C ASP A 100 3.17 21.11 -10.75
N PRO A 101 4.09 20.18 -10.92
CA PRO A 101 4.49 19.70 -12.22
C PRO A 101 3.65 18.51 -12.67
N TYR A 102 2.88 17.95 -11.73
CA TYR A 102 2.10 16.77 -12.04
C TYR A 102 1.10 16.94 -13.17
N VAL A 103 0.78 15.83 -13.82
CA VAL A 103 -0.27 15.82 -14.85
C VAL A 103 -1.48 15.04 -14.32
N GLN A 104 -2.66 15.34 -14.85
CA GLN A 104 -3.90 14.70 -14.44
C GLN A 104 -4.44 13.76 -15.51
N GLY A 105 -5.53 13.06 -15.18
CA GLY A 105 -6.07 12.10 -16.14
C GLY A 105 -6.32 10.76 -15.48
N GLN A 106 -5.86 10.62 -14.23
CA GLN A 106 -5.99 9.36 -13.51
C GLN A 106 -7.46 9.02 -13.18
N VAL A 107 -8.28 10.01 -12.94
CA VAL A 107 -9.68 9.78 -12.55
C VAL A 107 -10.43 8.97 -13.58
N GLN A 108 -10.19 9.23 -14.88
CA GLN A 108 -10.88 8.44 -15.91
C GLN A 108 -10.63 6.96 -15.72
N TYR A 109 -9.38 6.58 -15.40
CA TYR A 109 -9.05 5.19 -15.21
C TYR A 109 -9.53 4.66 -13.86
N LEU A 110 -9.51 5.52 -12.86
CA LEU A 110 -10.07 5.08 -11.56
C LEU A 110 -11.54 4.68 -11.77
N GLU A 111 -12.28 5.51 -12.49
CA GLU A 111 -13.69 5.23 -12.76
C GLU A 111 -13.87 4.00 -13.61
N LYS A 112 -12.99 3.72 -14.57
CA LYS A 112 -13.06 2.48 -15.32
C LYS A 112 -12.82 1.30 -14.36
N ALA A 113 -11.87 1.46 -13.43
CA ALA A 113 -11.58 0.36 -12.50
C ALA A 113 -12.75 0.05 -11.58
N LEU A 114 -13.51 1.07 -11.18
CA LEU A 114 -14.66 0.83 -10.31
C LEU A 114 -15.69 -0.01 -11.05
N GLY A 115 -15.85 0.25 -12.37
CA GLY A 115 -16.78 -0.58 -13.15
C GLY A 115 -16.26 -1.98 -13.32
N TRP A 116 -14.95 -2.17 -13.53
CA TRP A 116 -14.37 -3.50 -13.66
C TRP A 116 -14.54 -4.26 -12.35
N ALA A 117 -14.41 -3.54 -11.23
CA ALA A 117 -14.60 -4.17 -9.92
C ALA A 117 -16.03 -4.68 -9.79
N ARG A 118 -16.96 -3.81 -10.18
CA ARG A 118 -18.39 -4.16 -10.07
C ARG A 118 -18.69 -5.41 -10.88
N LYS A 119 -18.21 -5.43 -12.13
CA LYS A 119 -18.44 -6.57 -13.02
C LYS A 119 -17.85 -7.86 -12.53
N ASN A 120 -16.77 -7.82 -11.76
CA ASN A 120 -16.10 -9.02 -11.27
C ASN A 120 -16.37 -9.27 -9.80
N ASN A 121 -17.34 -8.58 -9.21
CA ASN A 121 -17.70 -8.81 -7.81
C ASN A 121 -16.55 -8.56 -6.84
N ILE A 122 -15.78 -7.51 -7.14
CA ILE A 122 -14.64 -7.15 -6.27
C ILE A 122 -14.99 -5.87 -5.53
N ARG A 123 -14.68 -5.76 -4.25
CA ARG A 123 -14.96 -4.55 -3.48
C ARG A 123 -13.67 -3.71 -3.41
N VAL A 124 -13.80 -2.45 -3.07
CA VAL A 124 -12.63 -1.55 -3.15
C VAL A 124 -12.49 -0.58 -2.01
N TRP A 125 -11.19 -0.24 -1.70
CA TRP A 125 -10.94 0.94 -0.90
C TRP A 125 -10.23 1.96 -1.84
N ILE A 126 -10.65 3.20 -1.70
CA ILE A 126 -9.90 4.25 -2.42
C ILE A 126 -8.98 4.84 -1.32
N ASP A 127 -7.68 4.92 -1.65
CA ASP A 127 -6.69 5.34 -0.64
C ASP A 127 -5.98 6.60 -1.12
N LEU A 128 -6.08 7.68 -0.34
CA LEU A 128 -5.35 8.91 -0.71
C LEU A 128 -3.88 8.67 -0.28
N HIS A 129 -3.03 8.42 -1.25
CA HIS A 129 -1.70 7.90 -0.97
C HIS A 129 -0.64 8.99 -0.84
N GLY A 130 -0.93 10.16 -1.38
CA GLY A 130 0.03 11.26 -1.32
C GLY A 130 -0.73 12.57 -1.07
N ALA A 131 -0.31 13.32 -0.08
CA ALA A 131 -0.88 14.61 0.28
C ALA A 131 0.13 15.72 -0.04
N PRO A 132 -0.36 16.91 -0.32
CA PRO A 132 0.52 18.04 -0.64
C PRO A 132 1.53 18.28 0.47
N GLY A 133 2.81 18.49 0.10
CA GLY A 133 3.87 18.71 1.10
C GLY A 133 4.50 17.41 1.58
N SER A 134 3.81 16.30 1.37
CA SER A 134 4.16 14.96 1.78
C SER A 134 3.92 14.71 3.27
N GLN A 135 3.24 13.60 3.55
CA GLN A 135 2.93 13.21 4.92
C GLN A 135 3.98 12.24 5.45
N ASN A 136 4.96 11.85 4.63
CA ASN A 136 5.94 10.88 5.14
C ASN A 136 7.32 10.96 4.52
N GLY A 137 7.54 11.81 3.51
CA GLY A 137 8.84 11.87 2.85
C GLY A 137 9.22 10.67 2.02
N PHE A 138 8.32 9.72 1.77
CA PHE A 138 8.65 8.55 0.95
C PHE A 138 8.42 8.91 -0.53
N ASP A 139 9.10 8.21 -1.45
CA ASP A 139 8.89 8.53 -2.86
C ASP A 139 7.44 8.16 -3.25
N ASN A 140 6.84 7.19 -2.57
CA ASN A 140 5.44 6.82 -2.91
C ASN A 140 4.40 7.81 -2.46
N SER A 141 4.73 8.88 -1.74
CA SER A 141 3.82 9.96 -1.44
C SER A 141 3.80 10.96 -2.61
N GLY A 142 4.73 10.80 -3.56
CA GLY A 142 4.88 11.71 -4.68
C GLY A 142 6.11 12.63 -4.51
N LEU A 143 6.48 12.92 -3.28
CA LEU A 143 7.56 13.88 -3.01
C LEU A 143 8.48 13.36 -1.92
N ARG A 144 9.68 12.90 -2.32
CA ARG A 144 10.56 12.27 -1.34
C ARG A 144 11.27 13.30 -0.47
N ASP A 145 11.62 12.92 0.75
CA ASP A 145 12.41 13.77 1.64
C ASP A 145 11.83 15.09 2.03
N SER A 146 10.53 15.29 1.97
CA SER A 146 9.83 16.49 2.39
C SER A 146 8.74 16.06 3.40
N TYR A 147 8.53 16.83 4.46
CA TYR A 147 7.62 16.45 5.53
C TYR A 147 6.73 17.63 5.86
N ASN A 148 6.06 18.19 4.86
CA ASN A 148 5.33 19.42 5.09
C ASN A 148 3.82 19.34 5.03
N PHE A 149 3.23 18.16 5.14
CA PHE A 149 1.76 18.02 5.14
C PHE A 149 1.11 18.87 6.21
N GLN A 150 1.71 19.04 7.40
CA GLN A 150 1.10 19.86 8.42
C GLN A 150 1.53 21.32 8.37
N ASN A 151 2.25 21.74 7.35
CA ASN A 151 2.67 23.13 7.26
C ASN A 151 1.81 23.91 6.28
N GLY A 152 1.72 25.22 6.51
CA GLY A 152 0.96 26.11 5.65
C GLY A 152 -0.50 25.64 5.48
N ASP A 153 -0.97 25.65 4.26
CA ASP A 153 -2.33 25.26 3.93
C ASP A 153 -2.44 23.82 3.42
N ASN A 154 -1.37 23.03 3.56
CA ASN A 154 -1.39 21.68 3.04
C ASN A 154 -2.46 20.80 3.68
N THR A 155 -2.71 20.91 4.98
CA THR A 155 -3.75 20.05 5.60
C THR A 155 -5.11 20.44 5.02
N GLN A 156 -5.36 21.73 4.91
CA GLN A 156 -6.62 22.23 4.33
C GLN A 156 -6.80 21.80 2.89
N VAL A 157 -5.74 21.87 2.07
CA VAL A 157 -5.86 21.37 0.69
C VAL A 157 -6.21 19.88 0.69
N THR A 158 -5.61 19.12 1.61
CA THR A 158 -5.90 17.67 1.67
C THR A 158 -7.37 17.44 1.98
N LEU A 159 -7.91 18.19 2.93
CA LEU A 159 -9.33 18.05 3.26
C LEU A 159 -10.23 18.43 2.09
N ASN A 160 -9.83 19.43 1.31
CA ASN A 160 -10.59 19.80 0.11
C ASN A 160 -10.58 18.66 -0.89
N VAL A 161 -9.41 18.04 -1.11
CA VAL A 161 -9.36 16.89 -2.04
C VAL A 161 -10.21 15.76 -1.50
N LEU A 162 -10.15 15.49 -0.18
CA LEU A 162 -10.98 14.41 0.38
C LEU A 162 -12.47 14.72 0.17
N ASN A 163 -12.86 15.97 0.32
CA ASN A 163 -14.27 16.34 0.08
C ASN A 163 -14.72 16.00 -1.31
N THR A 164 -13.84 16.20 -2.29
CA THR A 164 -14.13 15.85 -3.68
C THR A 164 -14.31 14.36 -3.82
N ILE A 165 -13.39 13.58 -3.24
CA ILE A 165 -13.47 12.12 -3.24
C ILE A 165 -14.75 11.67 -2.53
N PHE A 166 -15.09 12.31 -1.42
CA PHE A 166 -16.31 11.95 -0.69
C PHE A 166 -17.56 12.15 -1.56
N LYS A 167 -17.65 13.29 -2.23
CA LYS A 167 -18.85 13.57 -3.03
C LYS A 167 -18.92 12.66 -4.24
N LYS A 168 -17.79 12.35 -4.87
CA LYS A 168 -17.84 11.46 -6.02
C LYS A 168 -17.96 9.99 -5.72
N TYR A 169 -17.28 9.45 -4.70
CA TYR A 169 -17.21 8.01 -4.54
C TYR A 169 -17.78 7.50 -3.23
N GLY A 170 -18.28 8.38 -2.38
CA GLY A 170 -18.82 7.97 -1.09
C GLY A 170 -20.35 8.01 -1.10
N GLY A 171 -20.95 8.24 -2.26
CA GLY A 171 -22.41 8.35 -2.34
C GLY A 171 -23.05 7.07 -2.85
N ASN A 172 -24.33 7.20 -3.25
CA ASN A 172 -25.11 6.07 -3.70
C ASN A 172 -24.61 5.43 -4.97
N GLU A 173 -23.94 6.17 -5.86
CA GLU A 173 -23.49 5.61 -7.13
C GLU A 173 -22.55 4.44 -7.03
N TYR A 174 -21.69 4.43 -5.98
CA TYR A 174 -20.73 3.33 -5.87
C TYR A 174 -20.86 2.58 -4.58
N SER A 175 -22.04 2.65 -3.94
CA SER A 175 -22.21 1.98 -2.64
C SER A 175 -22.14 0.49 -2.70
N ASP A 176 -22.22 -0.13 -3.88
CA ASP A 176 -22.10 -1.57 -4.02
C ASP A 176 -20.65 -2.00 -4.31
N VAL A 177 -19.74 -1.06 -4.46
CA VAL A 177 -18.35 -1.40 -4.79
C VAL A 177 -17.36 -0.84 -3.77
N VAL A 178 -17.56 0.41 -3.41
CA VAL A 178 -16.64 1.09 -2.48
C VAL A 178 -16.96 0.77 -1.03
N ILE A 179 -16.06 0.04 -0.34
CA ILE A 179 -16.32 -0.32 1.05
C ILE A 179 -15.39 0.38 2.04
N GLY A 180 -14.71 1.42 1.54
CA GLY A 180 -13.91 2.23 2.45
C GLY A 180 -13.17 3.32 1.67
N ILE A 181 -13.03 4.46 2.29
CA ILE A 181 -12.22 5.55 1.76
C ILE A 181 -11.13 5.78 2.85
N GLU A 182 -9.88 5.55 2.43
CA GLU A 182 -8.76 5.70 3.38
C GLU A 182 -8.26 7.12 3.32
N LEU A 183 -8.31 7.84 4.43
CA LEU A 183 -8.04 9.26 4.47
C LEU A 183 -6.60 9.63 4.13
N LEU A 184 -5.65 8.80 4.52
CA LEU A 184 -4.25 9.17 4.18
C LEU A 184 -3.35 7.98 4.41
N ASN A 185 -2.58 7.58 3.39
CA ASN A 185 -1.68 6.44 3.54
C ASN A 185 -0.45 6.77 4.39
N GLU A 186 -0.13 5.95 5.38
CA GLU A 186 1.11 6.05 6.14
C GLU A 186 1.61 7.42 6.53
N PRO A 187 0.83 8.21 7.26
CA PRO A 187 1.37 9.47 7.81
C PRO A 187 2.49 9.03 8.77
N LEU A 188 3.62 9.70 8.73
CA LEU A 188 4.77 9.23 9.54
C LEU A 188 4.66 9.74 10.96
N GLY A 189 3.93 9.05 11.81
CA GLY A 189 3.66 9.45 13.16
C GLY A 189 4.81 10.13 13.89
N PRO A 190 5.99 9.52 13.95
CA PRO A 190 7.12 10.06 14.66
C PRO A 190 7.57 11.46 14.30
N VAL A 191 7.35 11.96 13.10
CA VAL A 191 7.79 13.30 12.74
C VAL A 191 6.64 14.28 12.67
N LEU A 192 5.41 13.84 12.94
CA LEU A 192 4.26 14.72 12.86
C LEU A 192 3.70 15.10 14.23
N ASN A 193 2.87 16.14 14.24
CA ASN A 193 2.16 16.48 15.49
C ASN A 193 0.93 15.56 15.53
N MET A 194 0.88 14.61 16.45
CA MET A 194 -0.21 13.65 16.55
C MET A 194 -1.55 14.28 16.91
N ASP A 195 -1.55 15.37 17.68
CA ASP A 195 -2.82 16.00 18.01
C ASP A 195 -3.45 16.59 16.77
N LYS A 196 -2.60 17.17 15.90
CA LYS A 196 -3.12 17.74 14.67
C LYS A 196 -3.51 16.62 13.70
N LEU A 197 -2.81 15.50 13.71
CA LEU A 197 -3.21 14.40 12.81
C LEU A 197 -4.58 13.86 13.25
N LYS A 198 -4.79 13.71 14.56
CA LYS A 198 -6.11 13.24 15.03
C LYS A 198 -7.19 14.22 14.64
N GLN A 199 -6.95 15.53 14.72
CA GLN A 199 -7.95 16.51 14.33
C GLN A 199 -8.28 16.38 12.84
N PHE A 200 -7.26 16.13 12.02
CA PHE A 200 -7.49 15.95 10.58
C PHE A 200 -8.35 14.70 10.35
N PHE A 201 -8.07 13.62 11.05
CA PHE A 201 -8.85 12.39 10.88
C PHE A 201 -10.31 12.64 11.28
N LEU A 202 -10.47 13.35 12.39
CA LEU A 202 -11.83 13.66 12.85
C LEU A 202 -12.56 14.56 11.87
N ASP A 203 -11.88 15.58 11.31
CA ASP A 203 -12.49 16.46 10.33
C ASP A 203 -12.90 15.68 9.07
N GLY A 204 -12.07 14.76 8.62
CA GLY A 204 -12.37 13.91 7.46
C GLY A 204 -13.59 13.02 7.77
N TYR A 205 -13.60 12.40 8.93
CA TYR A 205 -14.73 11.56 9.34
C TYR A 205 -16.01 12.40 9.35
N ASN A 206 -16.01 13.56 10.01
CA ASN A 206 -17.24 14.36 10.08
C ASN A 206 -17.68 14.86 8.72
N SER A 207 -16.74 15.30 7.89
CA SER A 207 -17.05 15.78 6.54
C SER A 207 -17.70 14.71 5.69
N LEU A 208 -17.19 13.48 5.75
CA LEU A 208 -17.83 12.40 4.97
C LEU A 208 -19.25 12.13 5.47
N ARG A 209 -19.44 12.03 6.78
CA ARG A 209 -20.79 11.71 7.31
C ARG A 209 -21.74 12.85 7.01
N GLN A 210 -21.29 14.10 7.01
CA GLN A 210 -22.13 15.24 6.69
C GLN A 210 -22.67 15.21 5.27
N THR A 211 -22.06 14.52 4.33
CA THR A 211 -22.55 14.40 2.98
C THR A 211 -23.68 13.36 2.88
N GLY A 212 -23.96 12.65 3.95
CA GLY A 212 -24.97 11.61 3.97
C GLY A 212 -24.36 10.26 3.65
N SER A 213 -23.01 10.22 3.58
CA SER A 213 -22.36 8.96 3.28
C SER A 213 -22.30 8.02 4.48
N VAL A 214 -22.47 6.74 4.23
CA VAL A 214 -22.38 5.70 5.26
C VAL A 214 -21.15 4.83 4.99
N THR A 215 -20.32 5.29 4.08
CA THR A 215 -19.12 4.53 3.70
C THR A 215 -18.13 4.46 4.88
N PRO A 216 -17.54 3.31 5.10
CA PRO A 216 -16.55 3.15 6.14
C PRO A 216 -15.35 4.09 5.93
N VAL A 217 -14.91 4.69 7.02
CA VAL A 217 -13.71 5.55 7.02
C VAL A 217 -12.54 4.65 7.45
N ILE A 218 -11.47 4.63 6.66
CA ILE A 218 -10.31 3.79 6.97
C ILE A 218 -9.19 4.73 7.44
N ILE A 219 -8.67 4.47 8.66
CA ILE A 219 -7.55 5.32 9.09
C ILE A 219 -6.30 4.45 9.19
N HIS A 220 -5.18 4.94 8.64
CA HIS A 220 -3.94 4.13 8.78
C HIS A 220 -3.42 4.36 10.18
N ASP A 221 -2.69 3.40 10.77
CA ASP A 221 -2.29 3.50 12.16
C ASP A 221 -1.20 4.50 12.47
N ALA A 222 -0.61 5.14 11.48
CA ALA A 222 0.43 6.15 11.64
C ALA A 222 1.65 5.60 12.37
N PHE A 223 1.90 4.31 12.22
CA PHE A 223 3.02 3.60 12.81
C PHE A 223 2.96 3.61 14.33
N GLN A 224 1.76 3.72 14.91
CA GLN A 224 1.64 3.66 16.37
C GLN A 224 1.53 2.24 16.86
N VAL A 225 1.72 2.03 18.18
CA VAL A 225 1.64 0.69 18.74
C VAL A 225 0.22 0.13 18.65
N PHE A 226 0.12 -1.19 18.64
CA PHE A 226 -1.21 -1.84 18.64
C PHE A 226 -2.02 -1.27 19.81
N GLY A 227 -3.30 -1.00 19.59
CA GLY A 227 -4.17 -0.45 20.64
C GLY A 227 -4.20 1.03 20.77
N TYR A 228 -3.28 1.77 20.14
CA TYR A 228 -3.22 3.21 20.25
C TYR A 228 -4.53 3.89 19.85
N TRP A 229 -5.21 3.36 18.82
CA TRP A 229 -6.41 3.99 18.31
C TRP A 229 -7.69 3.47 18.95
N ASN A 230 -7.58 2.63 19.97
CA ASN A 230 -8.76 2.08 20.61
C ASN A 230 -9.75 3.10 21.10
N ASN A 231 -9.32 4.23 21.62
CA ASN A 231 -10.18 5.26 22.19
C ASN A 231 -10.48 6.40 21.24
N PHE A 232 -10.30 6.22 19.94
CA PHE A 232 -10.52 7.31 18.98
C PHE A 232 -11.60 6.88 17.99
N LEU A 233 -12.53 7.78 17.67
CA LEU A 233 -13.61 7.46 16.73
C LEU A 233 -14.34 6.22 17.25
N THR A 234 -15.00 6.37 18.41
CA THR A 234 -15.63 5.22 19.03
C THR A 234 -17.16 5.30 19.01
N VAL A 235 -17.76 4.11 19.10
CA VAL A 235 -19.22 3.99 19.18
C VAL A 235 -19.75 4.77 20.36
N ALA A 236 -19.04 4.78 21.49
CA ALA A 236 -19.43 5.57 22.65
C ALA A 236 -19.63 7.04 22.32
N GLU A 237 -18.97 7.58 21.31
CA GLU A 237 -19.12 8.97 20.91
C GLU A 237 -19.95 9.12 19.64
N GLY A 238 -20.65 8.08 19.24
CA GLY A 238 -21.49 8.09 18.06
C GLY A 238 -20.70 8.09 16.76
N GLN A 239 -19.46 7.62 16.78
CA GLN A 239 -18.66 7.57 15.54
C GLN A 239 -18.65 6.11 15.13
N TRP A 240 -18.99 5.83 13.86
CA TRP A 240 -19.24 4.44 13.49
C TRP A 240 -18.80 4.18 12.06
N ASN A 241 -18.63 2.90 11.75
CA ASN A 241 -18.14 2.43 10.46
C ASN A 241 -16.70 2.96 10.26
N VAL A 242 -15.85 2.55 11.19
CA VAL A 242 -14.43 2.97 11.19
C VAL A 242 -13.57 1.72 11.15
N VAL A 243 -12.51 1.72 10.33
CA VAL A 243 -11.63 0.54 10.24
C VAL A 243 -10.18 1.05 10.39
N VAL A 244 -9.38 0.30 11.13
CA VAL A 244 -7.94 0.67 11.24
C VAL A 244 -7.15 -0.20 10.27
N ASP A 245 -6.31 0.42 9.46
CA ASP A 245 -5.43 -0.26 8.51
C ASP A 245 -4.01 -0.36 9.09
N HIS A 246 -3.53 -1.56 9.34
CA HIS A 246 -2.19 -1.80 9.84
C HIS A 246 -1.32 -2.28 8.70
N HIS A 247 -0.11 -1.76 8.53
CA HIS A 247 0.78 -2.29 7.48
C HIS A 247 1.88 -3.09 8.19
N HIS A 248 2.25 -4.26 7.66
CA HIS A 248 3.20 -5.08 8.42
C HIS A 248 4.30 -5.60 7.56
N TYR A 249 5.55 -5.25 7.92
CA TYR A 249 6.70 -5.76 7.18
C TYR A 249 7.86 -6.06 8.13
N GLN A 250 8.85 -6.81 7.68
CA GLN A 250 10.01 -7.09 8.56
C GLN A 250 11.30 -6.88 7.78
N VAL A 251 11.41 -5.83 6.98
CA VAL A 251 12.58 -5.64 6.14
C VAL A 251 13.16 -4.24 6.20
N PHE A 252 12.64 -3.33 7.01
CA PHE A 252 13.12 -1.96 6.94
C PHE A 252 14.07 -1.55 8.04
N SER A 253 14.77 -2.52 8.61
CA SER A 253 15.80 -2.24 9.60
C SER A 253 16.73 -3.44 9.67
N GLY A 254 17.98 -3.18 10.10
CA GLY A 254 18.95 -4.28 10.23
C GLY A 254 18.48 -5.33 11.22
N GLY A 255 17.87 -4.93 12.34
CA GLY A 255 17.41 -5.88 13.34
C GLY A 255 16.35 -6.84 12.82
N GLU A 256 15.40 -6.30 12.04
CA GLU A 256 14.33 -7.13 11.47
C GLU A 256 14.90 -8.09 10.45
N LEU A 257 15.80 -7.62 9.58
CA LEU A 257 16.40 -8.42 8.55
C LEU A 257 17.25 -9.56 9.08
N SER A 258 17.87 -9.35 10.26
CA SER A 258 18.77 -10.40 10.77
C SER A 258 18.03 -11.51 11.49
N ARG A 259 16.72 -11.41 11.71
CA ARG A 259 16.01 -12.51 12.37
C ARG A 259 16.04 -13.80 11.56
N ASN A 260 16.15 -14.96 12.20
CA ASN A 260 16.07 -16.23 11.48
C ASN A 260 14.61 -16.46 11.07
N ILE A 261 14.37 -17.50 10.25
CA ILE A 261 12.99 -17.71 9.77
C ILE A 261 12.03 -17.98 10.89
N ASN A 262 12.41 -18.76 11.92
CA ASN A 262 11.46 -19.02 13.01
C ASN A 262 11.05 -17.75 13.73
N ASP A 263 11.99 -16.81 13.92
CA ASP A 263 11.63 -15.57 14.63
C ASP A 263 10.77 -14.68 13.73
N HIS A 264 11.01 -14.74 12.42
CA HIS A 264 10.13 -13.97 11.50
C HIS A 264 8.69 -14.48 11.64
N ILE A 265 8.54 -15.80 11.75
CA ILE A 265 7.20 -16.39 11.92
C ILE A 265 6.60 -16.02 13.25
N SER A 266 7.37 -16.11 14.34
CA SER A 266 6.84 -15.70 15.65
C SER A 266 6.33 -14.28 15.61
N VAL A 267 7.07 -13.35 15.01
CA VAL A 267 6.60 -11.96 14.90
C VAL A 267 5.28 -11.87 14.10
N ALA A 268 5.21 -12.57 12.97
CA ALA A 268 3.96 -12.57 12.17
C ALA A 268 2.80 -13.11 12.98
N CYS A 269 3.00 -14.18 13.73
CA CYS A 269 1.88 -14.70 14.55
C CYS A 269 1.45 -13.69 15.59
N ASN A 270 2.44 -13.01 16.20
CA ASN A 270 2.13 -12.03 17.23
C ASN A 270 1.31 -10.88 16.67
N TRP A 271 1.53 -10.52 15.40
CA TRP A 271 0.69 -9.49 14.79
C TRP A 271 -0.80 -9.90 14.88
N GLY A 272 -1.07 -11.17 14.65
CA GLY A 272 -2.47 -11.66 14.73
C GLY A 272 -2.99 -11.58 16.16
N TRP A 273 -2.23 -12.10 17.14
CA TRP A 273 -2.68 -12.03 18.51
C TRP A 273 -2.98 -10.61 18.99
N ASP A 274 -2.09 -9.67 18.65
CA ASP A 274 -2.27 -8.32 19.14
C ASP A 274 -3.39 -7.58 18.43
N ALA A 275 -3.58 -7.84 17.13
CA ALA A 275 -4.66 -7.14 16.43
C ALA A 275 -6.02 -7.59 16.98
N LYS A 276 -6.12 -8.83 17.40
CA LYS A 276 -7.37 -9.39 17.95
C LYS A 276 -7.81 -8.64 19.18
N LYS A 277 -6.88 -8.09 19.96
CA LYS A 277 -7.24 -7.37 21.17
C LYS A 277 -7.74 -5.97 20.89
N GLU A 278 -7.59 -5.41 19.68
CA GLU A 278 -8.02 -4.05 19.42
C GLU A 278 -9.53 -3.90 19.39
N SER A 279 -10.01 -2.69 19.63
CA SER A 279 -11.47 -2.48 19.71
C SER A 279 -12.08 -2.01 18.41
N HIS A 280 -11.31 -1.78 17.35
CA HIS A 280 -11.93 -1.43 16.07
C HIS A 280 -11.74 -2.56 15.07
N TRP A 281 -12.62 -2.66 14.08
CA TRP A 281 -12.36 -3.60 12.99
C TRP A 281 -10.97 -3.19 12.43
N ASN A 282 -10.19 -4.14 11.98
CA ASN A 282 -8.87 -3.82 11.45
C ASN A 282 -8.51 -4.80 10.35
N VAL A 283 -7.75 -4.27 9.36
CA VAL A 283 -7.35 -5.06 8.21
C VAL A 283 -5.87 -4.80 7.93
N ALA A 284 -5.14 -5.84 7.59
CA ALA A 284 -3.72 -5.65 7.20
C ALA A 284 -3.72 -5.17 5.75
N GLY A 285 -3.72 -3.84 5.56
CA GLY A 285 -3.85 -3.23 4.26
C GLY A 285 -2.61 -3.34 3.40
N GLU A 286 -1.46 -3.69 3.99
CA GLU A 286 -0.25 -3.94 3.28
C GLU A 286 0.62 -4.97 4.04
N TRP A 287 1.27 -5.82 3.27
CA TRP A 287 2.22 -6.81 3.71
C TRP A 287 2.79 -7.43 2.45
N SER A 288 3.89 -8.18 2.51
CA SER A 288 4.36 -8.85 1.31
C SER A 288 5.13 -10.11 1.70
N ALA A 289 5.77 -10.74 0.73
CA ALA A 289 6.54 -11.96 1.00
C ALA A 289 8.00 -11.61 1.26
N ALA A 290 8.32 -10.32 1.19
CA ALA A 290 9.74 -9.96 1.30
C ALA A 290 10.39 -10.28 2.62
N LEU A 291 11.54 -10.96 2.52
CA LEU A 291 12.37 -11.24 3.71
C LEU A 291 13.68 -10.46 3.60
N THR A 292 13.81 -9.67 2.54
CA THR A 292 14.97 -8.83 2.31
C THR A 292 14.52 -7.48 1.77
N ASP A 293 15.43 -6.49 1.76
CA ASP A 293 15.14 -5.22 1.12
C ASP A 293 15.97 -5.12 -0.16
N CYS A 294 16.15 -6.24 -0.87
CA CYS A 294 16.98 -6.28 -2.07
C CYS A 294 16.43 -5.74 -3.35
N ALA A 295 15.10 -5.58 -3.46
CA ALA A 295 14.54 -5.11 -4.73
C ALA A 295 15.20 -3.80 -5.12
N LYS A 296 15.63 -3.65 -6.37
CA LYS A 296 16.30 -2.40 -6.77
C LYS A 296 15.46 -1.18 -6.46
N TRP A 297 16.03 -0.16 -5.79
CA TRP A 297 15.34 1.06 -5.45
C TRP A 297 14.18 0.94 -4.47
N LEU A 298 14.01 -0.19 -3.78
CA LEU A 298 12.95 -0.26 -2.77
C LEU A 298 13.09 0.84 -1.72
N ASN A 299 14.36 1.14 -1.31
CA ASN A 299 14.56 2.20 -0.32
C ASN A 299 14.58 3.59 -0.95
N GLY A 300 14.58 3.64 -2.26
CA GLY A 300 14.56 4.88 -3.02
C GLY A 300 15.61 4.85 -4.11
N VAL A 301 15.42 5.68 -5.12
CA VAL A 301 16.39 5.81 -6.20
C VAL A 301 17.73 6.21 -5.58
N ASN A 302 18.81 5.60 -6.09
CA ASN A 302 20.16 5.88 -5.66
C ASN A 302 20.43 5.49 -4.22
N ARG A 303 19.66 4.53 -3.67
CA ARG A 303 19.91 4.02 -2.33
C ARG A 303 20.03 2.50 -2.45
N GLY A 304 20.97 1.94 -1.67
CA GLY A 304 21.19 0.50 -1.74
C GLY A 304 20.32 -0.27 -0.76
N ALA A 305 20.71 -1.52 -0.55
CA ALA A 305 19.97 -2.41 0.35
C ALA A 305 20.72 -2.66 1.66
N ARG A 306 19.95 -2.64 2.76
CA ARG A 306 20.52 -2.95 4.07
C ARG A 306 20.97 -4.41 4.12
N TYR A 307 20.27 -5.29 3.38
CA TYR A 307 20.55 -6.70 3.42
C TYR A 307 22.00 -7.00 3.04
N GLU A 308 22.57 -6.25 2.10
CA GLU A 308 23.94 -6.52 1.70
C GLU A 308 24.89 -5.47 2.28
N GLY A 309 24.45 -4.82 3.34
CA GLY A 309 25.23 -3.83 4.08
C GLY A 309 25.55 -2.61 3.24
N ALA A 310 24.60 -2.16 2.43
CA ALA A 310 24.85 -1.04 1.56
C ALA A 310 23.92 0.14 1.86
N TYR A 311 23.27 0.14 3.01
CA TYR A 311 22.37 1.26 3.32
C TYR A 311 22.07 1.32 4.80
N ASP A 312 21.83 2.54 5.31
CA ASP A 312 21.42 2.74 6.70
C ASP A 312 22.41 2.14 7.69
N ASN A 313 23.69 2.11 7.37
CA ASN A 313 24.72 1.52 8.20
C ASN A 313 24.39 0.14 8.69
N ALA A 314 23.72 -0.70 7.88
CA ALA A 314 23.38 -2.03 8.35
C ALA A 314 24.51 -3.00 7.98
N PRO A 315 24.66 -4.03 8.77
CA PRO A 315 25.67 -5.04 8.52
C PRO A 315 25.29 -5.96 7.37
N TYR A 316 26.29 -6.41 6.61
CA TYR A 316 26.08 -7.35 5.53
C TYR A 316 25.46 -8.63 6.07
N ILE A 317 24.37 -9.08 5.42
CA ILE A 317 23.74 -10.33 5.76
C ILE A 317 23.95 -11.31 4.60
N GLY A 318 23.55 -10.90 3.40
CA GLY A 318 23.75 -11.78 2.23
C GLY A 318 23.78 -10.95 0.95
N SER A 319 24.25 -11.55 -0.14
CA SER A 319 24.29 -10.82 -1.42
C SER A 319 22.88 -10.77 -2.03
N CYS A 320 22.51 -9.62 -2.59
CA CYS A 320 21.17 -9.47 -3.15
C CYS A 320 21.06 -10.05 -4.55
N GLN A 321 22.18 -9.98 -5.29
CA GLN A 321 22.20 -10.45 -6.66
C GLN A 321 21.51 -11.77 -6.90
N PRO A 322 21.82 -12.83 -6.17
CA PRO A 322 21.22 -14.13 -6.35
C PRO A 322 19.73 -14.17 -5.99
N LEU A 323 19.20 -13.15 -5.34
CA LEU A 323 17.80 -13.16 -4.94
C LEU A 323 16.93 -12.29 -5.82
N LEU A 324 17.52 -11.66 -6.83
CA LEU A 324 16.76 -10.76 -7.70
C LEU A 324 15.87 -11.53 -8.67
N ASP A 325 16.25 -12.75 -8.98
CA ASP A 325 15.52 -13.59 -9.91
C ASP A 325 15.00 -14.85 -9.22
N ILE A 326 13.68 -14.98 -9.17
CA ILE A 326 13.01 -16.09 -8.51
C ILE A 326 13.46 -17.44 -9.02
N SER A 327 13.84 -17.56 -10.30
CA SER A 327 14.38 -18.80 -10.84
C SER A 327 15.74 -19.13 -10.22
N GLN A 328 16.44 -18.17 -9.63
CA GLN A 328 17.74 -18.48 -9.03
C GLN A 328 17.64 -18.73 -7.53
N TRP A 329 16.43 -18.67 -6.95
CA TRP A 329 16.32 -18.87 -5.52
C TRP A 329 16.60 -20.31 -5.09
N SER A 330 17.29 -20.45 -3.95
CA SER A 330 17.54 -21.80 -3.42
C SER A 330 16.25 -22.43 -2.89
N ASP A 331 16.26 -23.75 -2.78
CA ASP A 331 15.14 -24.47 -2.21
C ASP A 331 14.81 -23.97 -0.80
N GLU A 332 15.85 -23.68 -0.01
CA GLU A 332 15.59 -23.17 1.34
C GLU A 332 14.92 -21.81 1.31
N HIS A 333 15.31 -20.91 0.39
CA HIS A 333 14.65 -19.58 0.37
C HIS A 333 13.20 -19.71 -0.07
N LYS A 334 12.93 -20.63 -1.01
CA LYS A 334 11.56 -20.88 -1.47
C LYS A 334 10.71 -21.40 -0.31
N THR A 335 11.24 -22.34 0.47
CA THR A 335 10.50 -22.90 1.61
C THR A 335 10.26 -21.85 2.68
N ASP A 336 11.29 -21.06 2.98
CA ASP A 336 11.16 -20.00 3.98
C ASP A 336 10.07 -19.02 3.56
N THR A 337 10.06 -18.69 2.27
CA THR A 337 9.04 -17.72 1.77
C THR A 337 7.65 -18.26 1.92
N ARG A 338 7.46 -19.54 1.54
CA ARG A 338 6.13 -20.12 1.66
C ARG A 338 5.69 -20.16 3.11
N ARG A 339 6.56 -20.56 4.05
CA ARG A 339 6.22 -20.56 5.46
C ARG A 339 5.81 -19.19 5.95
N TYR A 340 6.53 -18.17 5.48
CA TYR A 340 6.30 -16.79 5.91
C TYR A 340 4.97 -16.29 5.40
N ILE A 341 4.67 -16.60 4.15
CA ILE A 341 3.36 -16.21 3.58
C ILE A 341 2.23 -16.86 4.34
N GLU A 342 2.34 -18.19 4.55
CA GLU A 342 1.23 -18.86 5.27
C GLU A 342 1.04 -18.35 6.68
N ALA A 343 2.12 -18.08 7.43
CA ALA A 343 1.91 -17.56 8.80
C ALA A 343 1.21 -16.21 8.78
N GLN A 344 1.60 -15.34 7.83
CA GLN A 344 0.98 -14.03 7.72
C GLN A 344 -0.50 -14.15 7.36
N LEU A 345 -0.79 -15.01 6.36
CA LEU A 345 -2.22 -15.19 6.00
C LEU A 345 -3.03 -15.64 7.21
N ASP A 346 -2.52 -16.62 7.97
CA ASP A 346 -3.27 -17.09 9.15
C ASP A 346 -3.46 -15.96 10.14
N ALA A 347 -2.41 -15.18 10.39
CA ALA A 347 -2.54 -14.08 11.35
C ALA A 347 -3.52 -13.02 10.91
N PHE A 348 -3.52 -12.69 9.60
CA PHE A 348 -4.43 -11.61 9.18
C PHE A 348 -5.87 -12.06 9.03
N GLU A 349 -6.06 -13.33 8.65
CA GLU A 349 -7.44 -13.86 8.61
C GLU A 349 -8.03 -14.00 9.99
N TYR A 350 -7.19 -14.01 11.02
CA TYR A 350 -7.67 -14.04 12.42
C TYR A 350 -8.46 -12.80 12.74
N THR A 351 -8.20 -11.65 12.07
CA THR A 351 -9.03 -10.48 12.23
C THR A 351 -9.72 -10.13 10.90
N GLY A 352 -9.63 -8.90 10.41
CA GLY A 352 -10.40 -8.53 9.23
C GLY A 352 -9.94 -9.04 7.89
N GLY A 353 -8.75 -9.63 7.76
CA GLY A 353 -8.30 -10.05 6.43
C GLY A 353 -7.02 -9.31 6.05
N TRP A 354 -6.69 -9.35 4.76
CA TRP A 354 -5.38 -8.89 4.32
C TRP A 354 -5.39 -8.38 2.90
N VAL A 355 -4.44 -7.50 2.58
CA VAL A 355 -4.32 -6.92 1.24
C VAL A 355 -2.83 -6.93 0.87
N PHE A 356 -2.41 -7.81 -0.01
CA PHE A 356 -0.98 -7.96 -0.34
C PHE A 356 -0.46 -6.81 -1.17
N TRP A 357 0.74 -6.30 -0.84
CA TRP A 357 1.37 -5.25 -1.68
C TRP A 357 2.44 -5.94 -2.50
N SER A 358 2.33 -6.09 -3.81
CA SER A 358 1.18 -5.57 -4.59
C SER A 358 0.81 -6.60 -5.67
N TRP A 359 -0.20 -6.28 -6.49
CA TRP A 359 -0.63 -7.23 -7.52
C TRP A 359 0.49 -7.59 -8.48
N LYS A 360 1.24 -6.59 -8.95
CA LYS A 360 2.31 -6.84 -9.88
C LYS A 360 3.44 -5.83 -9.80
N THR A 361 4.62 -6.28 -10.24
CA THR A 361 5.80 -5.41 -10.36
C THR A 361 6.47 -5.77 -11.68
N GLU A 362 7.36 -4.94 -12.21
CA GLU A 362 8.01 -5.32 -13.46
C GLU A 362 8.93 -6.51 -13.24
N ASN A 363 9.70 -6.46 -12.15
CA ASN A 363 10.67 -7.52 -11.93
C ASN A 363 11.11 -7.67 -10.50
N ALA A 364 10.22 -7.41 -9.54
CA ALA A 364 10.61 -7.63 -8.12
C ALA A 364 9.65 -8.70 -7.59
N PRO A 365 10.10 -9.94 -7.52
CA PRO A 365 9.30 -11.09 -7.19
C PRO A 365 8.74 -11.14 -5.79
N GLU A 366 9.44 -10.58 -4.80
CA GLU A 366 8.93 -10.61 -3.44
C GLU A 366 7.69 -9.74 -3.26
N TRP A 367 7.48 -8.81 -4.18
CA TRP A 367 6.44 -7.80 -4.10
C TRP A 367 5.34 -7.99 -5.16
N SER A 368 5.33 -9.16 -5.80
CA SER A 368 4.34 -9.40 -6.88
C SER A 368 3.47 -10.61 -6.59
N PHE A 369 2.18 -10.40 -6.33
CA PHE A 369 1.27 -11.52 -6.07
C PHE A 369 1.23 -12.46 -7.27
N GLN A 370 1.21 -11.90 -8.49
CA GLN A 370 1.20 -12.74 -9.69
C GLN A 370 2.40 -13.67 -9.77
N THR A 371 3.61 -13.09 -9.63
CA THR A 371 4.83 -13.89 -9.72
C THR A 371 4.90 -14.99 -8.69
N LEU A 372 4.60 -14.67 -7.42
CA LEU A 372 4.60 -15.65 -6.35
C LEU A 372 3.57 -16.76 -6.57
N THR A 373 2.40 -16.39 -7.05
CA THR A 373 1.35 -17.40 -7.31
C THR A 373 1.76 -18.33 -8.45
N TYR A 374 2.28 -17.75 -9.53
CA TYR A 374 2.70 -18.55 -10.67
C TYR A 374 3.85 -19.47 -10.33
N ASN A 375 4.73 -19.14 -9.38
CA ASN A 375 5.85 -19.98 -8.99
C ASN A 375 5.53 -20.91 -7.84
N GLY A 376 4.27 -20.98 -7.41
CA GLY A 376 3.85 -21.89 -6.37
C GLY A 376 4.21 -21.51 -4.96
N LEU A 377 4.60 -20.25 -4.73
CA LEU A 377 4.96 -19.84 -3.37
C LEU A 377 3.81 -19.20 -2.62
N PHE A 378 2.85 -18.62 -3.36
CA PHE A 378 1.66 -18.07 -2.71
C PHE A 378 0.59 -19.17 -2.85
N PRO A 379 -0.02 -19.58 -1.76
CA PRO A 379 -1.01 -20.66 -1.82
C PRO A 379 -2.08 -20.40 -2.86
N GLN A 380 -2.45 -21.42 -3.63
CA GLN A 380 -3.59 -21.32 -4.56
C GLN A 380 -4.27 -22.68 -4.56
N PRO A 381 -5.48 -22.79 -4.10
CA PRO A 381 -6.31 -21.73 -3.57
C PRO A 381 -5.67 -21.08 -2.35
N VAL A 382 -6.11 -19.89 -1.98
CA VAL A 382 -5.43 -19.17 -0.90
C VAL A 382 -5.57 -19.81 0.46
N THR A 383 -6.44 -20.78 0.64
CA THR A 383 -6.63 -21.49 1.90
C THR A 383 -5.71 -22.69 2.03
N ASP A 384 -5.02 -23.06 0.96
CA ASP A 384 -4.08 -24.18 0.97
C ASP A 384 -2.94 -23.94 1.95
N ARG A 385 -2.54 -24.98 2.69
CA ARG A 385 -1.43 -24.81 3.61
C ARG A 385 -0.45 -25.98 3.51
N GLN A 386 0.81 -25.69 3.21
CA GLN A 386 1.87 -26.70 3.25
C GLN A 386 2.44 -26.77 4.67
N PHE A 387 2.23 -25.70 5.44
CA PHE A 387 2.70 -25.59 6.83
C PHE A 387 1.54 -25.15 7.72
N PRO A 388 0.61 -26.05 7.99
CA PRO A 388 -0.58 -25.72 8.73
C PRO A 388 -0.33 -25.35 10.19
N ASN A 389 -1.10 -24.40 10.66
CA ASN A 389 -1.17 -24.02 12.06
C ASN A 389 0.15 -23.70 12.72
N GLN A 390 0.93 -22.82 12.07
CA GLN A 390 2.19 -22.40 12.66
C GLN A 390 1.97 -21.48 13.87
N CYS A 391 0.83 -20.80 13.95
CA CYS A 391 0.61 -19.87 15.03
C CYS A 391 -0.23 -20.40 16.18
N GLY A 392 -1.08 -21.40 15.94
CA GLY A 392 -1.88 -21.95 17.06
C GLY A 392 -2.98 -21.02 17.51
N PHE A 393 -3.63 -20.28 16.62
CA PHE A 393 -4.70 -19.39 17.03
C PHE A 393 -5.92 -20.08 17.63
N HIS A 394 -6.53 -19.48 18.68
CA HIS A 394 -7.80 -19.92 19.23
C HIS A 394 -8.87 -18.80 19.08
#